data_8HV8
#
_entry.id   8HV8
#
_cell.length_a   144.012
_cell.length_b   144.012
_cell.length_c   144.012
_cell.angle_alpha   90.00
_cell.angle_beta   90.00
_cell.angle_gamma   90.00
#
_symmetry.space_group_name_H-M   'I 2 3'
#
loop_
_entity.id
_entity.type
_entity.pdbx_description
1 polymer 'Epidermal growth factor receptor'
2 non-polymer 3,6,9,12,15,18,21,24-OCTAOXAHEXACOSAN-1-OL
3 non-polymer ~{N}-pyrazolo[1,5-a]pyridin-2-ylprop-2-enamide
4 water water
#
_entity_poly.entity_id   1
_entity_poly.type   'polypeptide(L)'
_entity_poly.pdbx_seq_one_letter_code
;GSGEAPNQALLRILKETEFKKIKVLGSGAFGTVYKGLWIPEGEKVKIPVAIKELREATSPKANKEILDEAYVMASVDNPH
VCRLLGICLTSTVQLIMQLMPFGSLLDYVREHKDNIGSQYLLNWCVQIAKGMNYLEDRRLVHRDLAARNVLVKTPQHVKI
TDFGRAKLLGAAAAEYHAEGGKVPIKWMALESILHRIYTHQSDVWSYGVTVWELMTFGSKPYDGIPASEISSILEKGERL
PQPPICTIDVYMIMVKCWMIDADSRPKFRELIIEFSKMARDPQRYLVIQGDERMHLPSPTDSNFYRALMDEEDMDDVVDA
DEYLIPQQGNS
;
_entity_poly.pdbx_strand_id   A
#
loop_
_chem_comp.id
_chem_comp.type
_chem_comp.name
_chem_comp.formula
N99 non-polymer ~{N}-pyrazolo[1,5-a]pyridin-2-ylprop-2-enamide 'C10 H9 N3 O'
PE5 non-polymer 3,6,9,12,15,18,21,24-OCTAOXAHEXACOSAN-1-OL 'C18 H38 O9'
#
# COMPACT_ATOMS: atom_id res chain seq x y z
N GLY A 3 22.24 17.13 4.14
CA GLY A 3 22.18 17.17 5.61
C GLY A 3 20.80 16.77 6.09
N GLU A 4 20.66 15.56 6.63
CA GLU A 4 19.34 14.93 6.88
C GLU A 4 19.14 14.69 8.38
N ALA A 5 17.89 14.56 8.78
CA ALA A 5 17.47 14.27 10.16
C ALA A 5 17.89 12.83 10.46
N PRO A 6 18.50 12.53 11.63
CA PRO A 6 18.81 11.15 11.96
C PRO A 6 17.53 10.34 12.10
N ASN A 7 17.61 9.05 11.81
CA ASN A 7 16.47 8.11 11.82
C ASN A 7 16.54 7.31 13.11
N GLN A 8 15.88 7.77 14.16
CA GLN A 8 15.97 7.13 15.50
C GLN A 8 14.85 6.12 15.72
N ALA A 9 14.26 5.57 14.65
CA ALA A 9 13.32 4.45 14.77
C ALA A 9 13.99 3.31 15.56
N LEU A 10 13.22 2.58 16.37
CA LEU A 10 13.70 1.40 17.10
C LEU A 10 13.48 0.18 16.21
N LEU A 11 14.49 -0.67 16.05
CA LEU A 11 14.30 -2.02 15.45
C LEU A 11 14.22 -3.01 16.63
N ARG A 12 13.06 -3.63 16.83
CA ARG A 12 12.81 -4.55 17.96
C ARG A 12 13.19 -5.98 17.54
N ILE A 13 14.08 -6.65 18.27
CA ILE A 13 14.46 -8.07 18.02
C ILE A 13 13.64 -8.94 18.97
N LEU A 14 12.88 -9.88 18.43
CA LEU A 14 11.98 -10.78 19.20
C LEU A 14 12.56 -12.21 19.23
N LYS A 15 12.48 -12.83 20.41
CA LYS A 15 12.68 -14.29 20.65
C LYS A 15 11.57 -15.03 19.90
N GLU A 16 11.87 -16.18 19.27
CA GLU A 16 10.92 -17.01 18.50
C GLU A 16 9.83 -17.59 19.43
N THR A 17 10.13 -17.62 20.72
CA THR A 17 9.24 -18.16 21.77
C THR A 17 8.16 -17.13 22.12
N GLU A 18 8.32 -15.87 21.72
CA GLU A 18 7.37 -14.78 22.04
C GLU A 18 6.12 -14.96 21.17
N PHE A 19 6.16 -15.78 20.13
CA PHE A 19 5.00 -15.87 19.21
C PHE A 19 4.78 -17.29 18.73
N LYS A 20 3.54 -17.57 18.34
CA LYS A 20 3.12 -18.88 17.81
C LYS A 20 2.49 -18.66 16.44
N LYS A 21 3.00 -19.38 15.43
CA LYS A 21 2.34 -19.59 14.12
C LYS A 21 1.02 -20.34 14.40
N ILE A 22 -0.12 -19.79 13.97
CA ILE A 22 -1.45 -20.44 14.11
C ILE A 22 -1.80 -21.12 12.79
N LYS A 23 -1.53 -20.51 11.65
CA LYS A 23 -1.82 -21.08 10.31
C LYS A 23 -1.13 -20.24 9.24
N VAL A 24 -1.17 -20.71 7.99
CA VAL A 24 -0.45 -20.18 6.81
C VAL A 24 -1.42 -19.34 5.98
N LEU A 25 -0.95 -18.20 5.47
CA LEU A 25 -1.74 -17.25 4.66
C LEU A 25 -1.24 -17.23 3.20
N GLY A 26 0.04 -17.48 2.94
CA GLY A 26 0.59 -17.27 1.59
C GLY A 26 1.89 -18.02 1.37
N SER A 27 2.26 -18.24 0.09
CA SER A 27 3.49 -18.98 -0.30
C SER A 27 3.88 -18.65 -1.75
N THR A 32 6.91 -17.53 2.63
CA THR A 32 5.71 -17.92 3.43
C THR A 32 5.25 -16.76 4.33
N VAL A 33 3.95 -16.68 4.63
CA VAL A 33 3.34 -15.69 5.56
C VAL A 33 2.38 -16.45 6.47
N TYR A 34 2.46 -16.24 7.78
CA TYR A 34 1.61 -16.98 8.74
C TYR A 34 0.72 -16.01 9.52
N LYS A 35 -0.54 -16.40 9.76
CA LYS A 35 -1.36 -15.80 10.82
C LYS A 35 -0.75 -16.30 12.12
N GLY A 36 -0.54 -15.45 13.12
CA GLY A 36 -0.03 -15.91 14.42
C GLY A 36 -0.39 -14.96 15.54
N LEU A 37 0.07 -15.27 16.75
CA LEU A 37 -0.14 -14.44 17.94
C LEU A 37 1.21 -14.06 18.55
N TRP A 38 1.39 -12.81 18.94
CA TRP A 38 2.64 -12.34 19.56
C TRP A 38 2.39 -11.94 21.02
N ILE A 39 3.06 -12.58 21.97
CA ILE A 39 3.07 -12.13 23.38
C ILE A 39 4.41 -11.47 23.66
N PRO A 40 4.46 -10.12 23.72
CA PRO A 40 5.66 -9.41 24.13
C PRO A 40 6.11 -9.92 25.51
N GLU A 41 7.44 -10.02 25.72
CA GLU A 41 8.11 -10.63 26.91
C GLU A 41 7.52 -9.98 28.16
N GLY A 42 6.85 -10.77 29.00
CA GLY A 42 6.17 -10.32 30.25
C GLY A 42 5.39 -9.02 30.10
N GLU A 43 4.34 -9.00 29.26
CA GLU A 43 3.46 -7.82 29.09
C GLU A 43 1.96 -8.14 29.28
N LYS A 44 1.55 -9.40 29.26
CA LYS A 44 0.11 -9.78 29.43
C LYS A 44 -0.74 -9.09 28.34
N VAL A 45 -0.31 -9.18 27.07
CA VAL A 45 -1.07 -8.75 25.86
C VAL A 45 -0.83 -9.81 24.77
N LYS A 46 -1.82 -10.01 23.91
CA LYS A 46 -1.74 -10.92 22.76
C LYS A 46 -1.97 -10.07 21.50
N ILE A 47 -1.04 -10.06 20.58
CA ILE A 47 -1.16 -9.14 19.42
C ILE A 47 -1.26 -10.06 18.20
N PRO A 48 -2.38 -10.01 17.44
CA PRO A 48 -2.50 -10.78 16.21
C PRO A 48 -1.48 -10.25 15.18
N VAL A 49 -0.72 -11.15 14.58
CA VAL A 49 0.43 -10.78 13.74
C VAL A 49 0.39 -11.61 12.49
N ALA A 50 1.04 -11.08 11.48
CA ALA A 50 1.39 -11.76 10.23
C ALA A 50 2.90 -11.90 10.28
N ILE A 51 3.42 -13.13 10.13
CA ILE A 51 4.86 -13.42 10.26
C ILE A 51 5.37 -13.77 8.87
N LYS A 52 6.16 -12.88 8.26
CA LYS A 52 6.80 -13.11 6.94
C LYS A 52 8.16 -13.76 7.18
N GLU A 53 8.28 -15.07 6.89
CA GLU A 53 9.48 -15.92 7.14
C GLU A 53 10.09 -16.32 5.79
N LEU A 54 11.34 -15.90 5.55
CA LEU A 54 12.16 -16.30 4.37
C LEU A 54 12.25 -17.83 4.33
N ARG A 55 12.07 -18.44 3.14
CA ARG A 55 12.16 -19.91 2.92
C ARG A 55 13.63 -20.27 2.60
N GLU A 56 14.21 -19.60 1.59
CA GLU A 56 15.54 -19.87 0.97
C GLU A 56 16.66 -19.68 2.01
N ALA A 57 16.70 -18.50 2.65
CA ALA A 57 17.53 -18.18 3.85
C ALA A 57 19.04 -18.34 3.56
N THR A 58 19.40 -19.12 2.54
CA THR A 58 20.79 -19.34 2.06
C THR A 58 21.01 -18.51 0.79
N SER A 59 20.05 -17.66 0.42
CA SER A 59 20.27 -16.56 -0.55
C SER A 59 20.66 -15.32 0.23
N PRO A 60 21.98 -14.98 0.30
CA PRO A 60 22.41 -13.74 0.96
C PRO A 60 21.66 -12.53 0.39
N LYS A 61 21.51 -12.44 -0.94
CA LYS A 61 20.72 -11.36 -1.61
C LYS A 61 19.33 -11.27 -0.98
N ALA A 62 18.63 -12.41 -0.83
CA ALA A 62 17.24 -12.47 -0.29
C ALA A 62 17.17 -11.76 1.07
N ASN A 63 18.22 -11.94 1.89
CA ASN A 63 18.35 -11.42 3.28
C ASN A 63 18.54 -9.89 3.27
N LYS A 64 19.35 -9.33 2.35
CA LYS A 64 19.49 -7.87 2.12
C LYS A 64 18.12 -7.27 1.77
N GLU A 65 17.30 -7.97 0.99
CA GLU A 65 15.98 -7.50 0.49
C GLU A 65 14.97 -7.35 1.66
N ILE A 66 14.92 -8.37 2.50
CA ILE A 66 13.92 -8.51 3.58
C ILE A 66 14.30 -7.47 4.65
N LEU A 67 15.60 -7.20 4.81
CA LEU A 67 16.06 -6.30 5.89
C LEU A 67 15.82 -4.85 5.48
N ASP A 68 15.79 -4.55 4.17
CA ASP A 68 15.43 -3.22 3.61
C ASP A 68 13.95 -2.98 3.89
N GLU A 69 13.11 -3.98 3.67
CA GLU A 69 11.66 -3.89 4.00
C GLU A 69 11.57 -3.50 5.48
N ALA A 70 12.30 -4.22 6.34
CA ALA A 70 12.26 -4.06 7.81
C ALA A 70 12.77 -2.67 8.18
N TYR A 71 13.86 -2.23 7.56
CA TYR A 71 14.40 -0.87 7.76
C TYR A 71 13.26 0.15 7.50
N VAL A 72 12.63 0.06 6.33
CA VAL A 72 11.61 1.05 5.89
C VAL A 72 10.38 0.98 6.82
N MET A 73 9.85 -0.22 7.07
CA MET A 73 8.65 -0.36 7.94
C MET A 73 8.91 0.07 9.38
N ALA A 74 10.14 -0.05 9.90
CA ALA A 74 10.50 0.40 11.26
C ALA A 74 10.40 1.92 11.34
N SER A 75 10.61 2.60 10.23
CA SER A 75 10.85 4.06 10.18
C SER A 75 9.55 4.78 9.81
N VAL A 76 8.43 4.08 9.65
CA VAL A 76 7.12 4.73 9.32
C VAL A 76 6.14 4.54 10.48
N ASP A 77 5.46 5.58 10.91
CA ASP A 77 4.47 5.50 12.00
C ASP A 77 3.24 6.31 11.63
N ASN A 78 2.29 5.69 10.94
CA ASN A 78 1.10 6.41 10.44
C ASN A 78 -0.04 5.41 10.41
N PRO A 79 -1.28 5.81 10.73
CA PRO A 79 -2.40 4.87 10.67
C PRO A 79 -2.70 4.26 9.29
N HIS A 80 -2.13 4.78 8.21
CA HIS A 80 -2.51 4.32 6.85
C HIS A 80 -1.32 3.67 6.19
N VAL A 81 -0.40 3.21 7.02
CA VAL A 81 0.86 2.57 6.56
C VAL A 81 1.13 1.42 7.51
N CYS A 82 1.56 0.29 6.95
CA CYS A 82 1.72 -0.94 7.72
C CYS A 82 2.75 -0.75 8.83
N ARG A 83 2.41 -1.32 9.97
CA ARG A 83 3.24 -1.26 11.20
C ARG A 83 4.08 -2.55 11.29
N LEU A 84 5.40 -2.41 11.32
CA LEU A 84 6.36 -3.46 11.75
C LEU A 84 6.41 -3.55 13.28
N LEU A 85 6.29 -4.73 13.85
CA LEU A 85 6.41 -4.87 15.31
C LEU A 85 7.83 -5.32 15.69
N GLY A 86 8.47 -6.14 14.87
CA GLY A 86 9.89 -6.48 15.10
C GLY A 86 10.38 -7.50 14.10
N ILE A 87 11.62 -7.92 14.27
CA ILE A 87 12.18 -9.05 13.48
C ILE A 87 12.69 -10.11 14.45
N CYS A 88 12.76 -11.35 13.96
CA CYS A 88 13.35 -12.49 14.69
C CYS A 88 14.48 -13.08 13.83
N LEU A 89 15.66 -13.23 14.42
CA LEU A 89 16.91 -13.58 13.68
C LEU A 89 17.23 -15.07 13.89
N THR A 90 16.28 -15.91 13.52
CA THR A 90 16.43 -17.40 13.51
C THR A 90 17.14 -17.77 12.19
N SER A 91 17.38 -19.07 11.92
CA SER A 91 18.00 -19.52 10.65
C SER A 91 17.36 -18.71 9.52
N THR A 92 16.03 -18.75 9.50
CA THR A 92 15.15 -18.02 8.58
C THR A 92 14.77 -16.71 9.27
N VAL A 93 15.06 -15.57 8.65
CA VAL A 93 14.73 -14.23 9.23
C VAL A 93 13.21 -14.02 9.10
N GLN A 94 12.56 -13.70 10.21
CA GLN A 94 11.08 -13.55 10.30
C GLN A 94 10.75 -12.06 10.50
N LEU A 95 9.88 -11.48 9.66
CA LEU A 95 9.26 -10.17 9.92
C LEU A 95 7.95 -10.36 10.65
N ILE A 96 7.76 -9.68 11.78
CA ILE A 96 6.48 -9.71 12.55
C ILE A 96 5.77 -8.37 12.34
N MET A 97 4.60 -8.42 11.72
CA MET A 97 3.80 -7.23 11.36
C MET A 97 2.45 -7.37 12.01
N GLN A 98 1.74 -6.26 12.10
CA GLN A 98 0.29 -6.23 12.46
C GLN A 98 -0.44 -7.11 11.48
N LEU A 99 -1.23 -8.06 11.99
CA LEU A 99 -2.10 -8.92 11.15
C LEU A 99 -3.12 -8.04 10.46
N MET A 100 -3.28 -8.20 9.15
CA MET A 100 -4.33 -7.42 8.47
C MET A 100 -5.39 -8.42 8.05
N PRO A 101 -6.39 -8.73 8.89
CA PRO A 101 -7.19 -9.95 8.73
C PRO A 101 -7.91 -10.14 7.38
N PHE A 102 -8.45 -9.08 6.76
CA PHE A 102 -9.19 -9.19 5.48
C PHE A 102 -8.28 -9.19 4.24
N GLY A 103 -6.95 -9.25 4.39
CA GLY A 103 -6.01 -9.46 3.25
C GLY A 103 -5.91 -8.21 2.38
N SER A 104 -5.60 -8.38 1.09
CA SER A 104 -5.31 -7.22 0.24
C SER A 104 -6.64 -6.62 -0.22
N LEU A 105 -6.64 -5.31 -0.42
CA LEU A 105 -7.83 -4.56 -0.90
C LEU A 105 -8.12 -5.05 -2.31
N LEU A 106 -7.09 -5.44 -3.08
CA LEU A 106 -7.35 -5.98 -4.44
C LEU A 106 -8.24 -7.23 -4.35
N ASP A 107 -7.87 -8.19 -3.52
CA ASP A 107 -8.64 -9.44 -3.32
C ASP A 107 -9.99 -9.07 -2.71
N TYR A 108 -10.04 -8.04 -1.88
CA TYR A 108 -11.26 -7.71 -1.10
C TYR A 108 -12.31 -7.09 -2.04
N VAL A 109 -11.92 -6.22 -2.95
CA VAL A 109 -12.92 -5.60 -3.85
C VAL A 109 -13.40 -6.62 -4.89
N ARG A 110 -12.53 -7.53 -5.38
CA ARG A 110 -12.94 -8.66 -6.27
C ARG A 110 -13.98 -9.55 -5.55
N GLU A 111 -13.69 -9.96 -4.33
CA GLU A 111 -14.54 -10.89 -3.56
C GLU A 111 -15.87 -10.22 -3.22
N HIS A 112 -15.90 -8.91 -3.05
CA HIS A 112 -17.11 -8.22 -2.49
C HIS A 112 -17.64 -7.13 -3.45
N LYS A 113 -17.38 -7.23 -4.77
CA LYS A 113 -17.90 -6.27 -5.81
C LYS A 113 -19.32 -5.85 -5.44
N ASP A 114 -20.18 -6.81 -5.05
CA ASP A 114 -21.64 -6.59 -4.89
C ASP A 114 -21.95 -5.87 -3.57
N ASN A 115 -21.05 -5.85 -2.59
CA ASN A 115 -21.41 -5.34 -1.24
C ASN A 115 -20.72 -4.03 -0.92
N ILE A 116 -20.09 -3.36 -1.90
CA ILE A 116 -19.21 -2.18 -1.61
C ILE A 116 -19.88 -0.90 -2.13
N GLY A 117 -20.23 -0.02 -1.21
CA GLY A 117 -20.84 1.28 -1.54
C GLY A 117 -19.79 2.36 -1.79
N SER A 118 -20.27 3.49 -2.29
CA SER A 118 -19.44 4.67 -2.62
C SER A 118 -18.71 5.19 -1.38
N GLN A 119 -19.33 5.17 -0.19
CA GLN A 119 -18.70 5.72 1.05
C GLN A 119 -17.38 4.97 1.28
N TYR A 120 -17.39 3.65 1.19
CA TYR A 120 -16.16 2.83 1.39
C TYR A 120 -15.12 3.10 0.31
N LEU A 121 -15.49 3.04 -0.96
CA LEU A 121 -14.51 3.35 -2.03
C LEU A 121 -13.82 4.72 -1.79
N LEU A 122 -14.58 5.78 -1.57
CA LEU A 122 -14.02 7.15 -1.45
C LEU A 122 -13.21 7.22 -0.15
N ASN A 123 -13.65 6.62 0.95
CA ASN A 123 -12.87 6.65 2.20
C ASN A 123 -11.55 5.91 1.96
N TRP A 124 -11.56 4.80 1.23
CA TRP A 124 -10.30 4.12 0.87
C TRP A 124 -9.38 5.07 0.10
N CYS A 125 -9.91 5.77 -0.90
CA CYS A 125 -9.14 6.74 -1.69
C CYS A 125 -8.50 7.77 -0.75
N VAL A 126 -9.25 8.26 0.25
CA VAL A 126 -8.70 9.25 1.23
C VAL A 126 -7.57 8.60 2.05
N GLN A 127 -7.82 7.42 2.62
CA GLN A 127 -6.88 6.75 3.55
C GLN A 127 -5.56 6.45 2.87
N ILE A 128 -5.58 5.97 1.61
CA ILE A 128 -4.36 5.71 0.82
C ILE A 128 -3.69 7.04 0.50
N ALA A 129 -4.45 8.11 0.25
CA ALA A 129 -3.87 9.45 0.03
C ALA A 129 -3.21 9.92 1.33
N LYS A 130 -3.82 9.69 2.47
CA LYS A 130 -3.18 10.06 3.76
C LYS A 130 -1.87 9.28 3.91
N GLY A 131 -1.93 7.96 3.68
CA GLY A 131 -0.75 7.09 3.77
C GLY A 131 0.37 7.64 2.89
N MET A 132 0.06 7.88 1.63
CA MET A 132 1.05 8.34 0.64
C MET A 132 1.55 9.74 1.03
N ASN A 133 0.69 10.66 1.48
CA ASN A 133 1.15 12.00 1.92
C ASN A 133 2.15 11.82 3.08
N TYR A 134 1.89 10.93 4.02
CA TYR A 134 2.81 10.72 5.15
C TYR A 134 4.18 10.25 4.63
N LEU A 135 4.20 9.27 3.72
CA LEU A 135 5.44 8.78 3.07
C LEU A 135 6.15 9.96 2.45
N GLU A 136 5.41 10.86 1.82
CA GLU A 136 6.00 12.03 1.13
C GLU A 136 6.62 12.95 2.20
N ASP A 137 5.90 13.23 3.26
CA ASP A 137 6.48 13.98 4.41
C ASP A 137 7.81 13.32 4.82
N ARG A 138 7.94 12.00 4.77
CA ARG A 138 9.14 11.29 5.26
C ARG A 138 10.08 11.11 4.08
N ARG A 139 9.86 11.86 3.00
CA ARG A 139 10.79 11.90 1.83
C ARG A 139 10.95 10.48 1.30
N LEU A 140 9.88 9.70 1.34
CA LEU A 140 9.93 8.29 0.93
C LEU A 140 9.07 8.02 -0.33
N VAL A 141 9.69 7.42 -1.33
CA VAL A 141 9.02 7.04 -2.59
C VAL A 141 8.79 5.55 -2.56
N HIS A 142 7.52 5.15 -2.68
CA HIS A 142 7.03 3.78 -2.45
C HIS A 142 7.46 2.88 -3.61
N ARG A 143 7.20 3.35 -4.84
CA ARG A 143 7.60 2.78 -6.15
C ARG A 143 6.81 1.51 -6.47
N ASP A 144 5.78 1.17 -5.71
CA ASP A 144 5.02 -0.09 -6.01
C ASP A 144 3.61 0.02 -5.45
N LEU A 145 3.05 1.22 -5.44
CA LEU A 145 1.66 1.44 -5.01
C LEU A 145 0.74 0.77 -6.04
N ALA A 146 -0.17 -0.04 -5.54
CA ALA A 146 -1.10 -0.85 -6.33
C ALA A 146 -2.13 -1.36 -5.34
N ALA A 147 -3.34 -1.71 -5.81
CA ALA A 147 -4.41 -2.18 -4.91
C ALA A 147 -3.94 -3.45 -4.20
N ARG A 148 -3.08 -4.27 -4.83
CA ARG A 148 -2.53 -5.51 -4.19
C ARG A 148 -1.69 -5.13 -2.97
N ASN A 149 -1.05 -3.97 -2.97
CA ASN A 149 -0.14 -3.57 -1.87
C ASN A 149 -0.85 -2.64 -0.90
N VAL A 150 -2.17 -2.69 -0.81
CA VAL A 150 -2.88 -1.96 0.27
C VAL A 150 -3.60 -3.05 1.06
N LEU A 151 -3.55 -3.04 2.39
CA LEU A 151 -4.18 -4.14 3.17
C LEU A 151 -5.36 -3.61 3.94
N VAL A 152 -6.26 -4.53 4.31
CA VAL A 152 -7.54 -4.25 4.99
C VAL A 152 -7.45 -4.73 6.45
N LYS A 153 -7.34 -3.80 7.39
CA LYS A 153 -7.42 -4.13 8.83
C LYS A 153 -8.88 -4.43 9.12
N THR A 154 -9.76 -3.48 8.79
CA THR A 154 -11.23 -3.62 8.70
C THR A 154 -11.71 -2.99 7.42
N PRO A 155 -12.97 -3.26 6.98
CA PRO A 155 -13.58 -2.58 5.83
C PRO A 155 -13.52 -1.05 5.94
N GLN A 156 -13.42 -0.51 7.15
CA GLN A 156 -13.32 0.94 7.43
C GLN A 156 -11.86 1.42 7.41
N HIS A 157 -10.86 0.55 7.35
CA HIS A 157 -9.49 0.97 7.68
C HIS A 157 -8.44 0.19 6.89
N VAL A 158 -7.74 0.85 5.98
CA VAL A 158 -6.73 0.20 5.09
C VAL A 158 -5.35 0.83 5.36
N LYS A 159 -4.31 0.15 4.91
CA LYS A 159 -2.91 0.57 5.14
C LYS A 159 -2.10 0.18 3.91
N ILE A 160 -1.24 1.07 3.47
CA ILE A 160 -0.26 0.79 2.39
C ILE A 160 0.80 -0.19 2.90
N THR A 161 1.08 -1.24 2.15
CA THR A 161 2.10 -2.24 2.49
C THR A 161 3.07 -2.40 1.33
N ASP A 162 3.93 -3.41 1.43
CA ASP A 162 4.99 -3.85 0.47
C ASP A 162 5.92 -2.69 0.18
N PHE A 163 6.89 -2.49 1.08
CA PHE A 163 7.96 -1.48 1.01
C PHE A 163 9.23 -2.11 0.43
N GLY A 164 9.12 -3.32 -0.10
CA GLY A 164 10.14 -3.99 -0.94
C GLY A 164 10.91 -3.04 -1.85
N ARG A 165 10.22 -2.19 -2.63
CA ARG A 165 10.86 -1.30 -3.63
C ARG A 165 11.04 0.11 -3.07
N ALA A 166 10.64 0.38 -1.84
CA ALA A 166 10.62 1.80 -1.37
C ALA A 166 12.05 2.33 -1.31
N LYS A 167 12.25 3.57 -1.73
CA LYS A 167 13.55 4.26 -1.68
C LYS A 167 13.35 5.63 -1.05
N LEU A 168 14.29 6.01 -0.18
CA LEU A 168 14.41 7.38 0.35
C LEU A 168 15.17 8.19 -0.70
N LEU A 169 14.70 9.39 -1.05
CA LEU A 169 15.52 10.40 -1.79
C LEU A 169 16.68 10.84 -0.88
N GLY A 170 17.87 11.11 -1.46
CA GLY A 170 19.06 11.67 -0.79
C GLY A 170 18.90 13.14 -0.41
N ALA A 171 19.95 13.74 0.19
CA ALA A 171 19.97 15.11 0.73
C ALA A 171 19.35 16.09 -0.28
N ALA A 172 19.79 16.02 -1.54
CA ALA A 172 19.30 16.80 -2.70
C ALA A 172 18.77 15.86 -3.80
N ALA A 173 18.41 14.62 -3.45
CA ALA A 173 17.92 13.59 -4.39
C ALA A 173 16.43 13.76 -4.64
N ALA A 174 16.06 14.66 -5.57
CA ALA A 174 14.68 14.95 -6.02
C ALA A 174 14.07 13.73 -6.73
N GLU A 175 14.72 13.27 -7.81
CA GLU A 175 14.38 12.00 -8.51
C GLU A 175 15.27 10.86 -7.96
N TYR A 176 14.88 9.60 -8.20
CA TYR A 176 15.65 8.39 -7.83
C TYR A 176 15.95 7.59 -9.11
N HIS A 177 17.11 6.91 -9.16
CA HIS A 177 17.64 6.17 -10.34
C HIS A 177 17.96 4.71 -9.97
N ALA A 178 17.37 3.74 -10.70
CA ALA A 178 17.46 2.28 -10.49
C ALA A 178 17.98 1.58 -11.76
N GLU A 179 18.37 0.29 -11.66
CA GLU A 179 19.01 -0.51 -12.75
C GLU A 179 18.48 -1.97 -12.80
N GLY A 180 17.19 -2.17 -13.13
CA GLY A 180 16.62 -3.47 -13.56
C GLY A 180 15.79 -4.20 -12.49
N GLY A 181 15.38 -5.44 -12.79
CA GLY A 181 14.48 -6.28 -11.98
C GLY A 181 13.16 -6.55 -12.70
N LYS A 182 12.24 -7.30 -12.07
CA LYS A 182 10.81 -7.47 -12.51
C LYS A 182 10.00 -6.27 -12.00
N VAL A 183 9.41 -5.45 -12.87
CA VAL A 183 8.78 -4.15 -12.49
C VAL A 183 7.31 -4.09 -12.95
N PRO A 184 6.46 -3.33 -12.21
CA PRO A 184 5.02 -3.26 -12.48
C PRO A 184 4.68 -2.14 -13.46
N ILE A 185 4.87 -2.43 -14.74
CA ILE A 185 4.86 -1.43 -15.85
C ILE A 185 3.51 -0.70 -15.82
N LYS A 186 2.44 -1.48 -15.69
CA LYS A 186 1.04 -1.02 -15.87
C LYS A 186 0.65 -0.07 -14.72
N TRP A 187 1.51 0.17 -13.73
CA TRP A 187 1.25 1.11 -12.61
C TRP A 187 2.22 2.26 -12.71
N MET A 188 3.24 2.18 -13.57
CA MET A 188 4.36 3.14 -13.46
C MET A 188 4.05 4.39 -14.27
N ALA A 189 4.52 5.53 -13.76
CA ALA A 189 4.58 6.81 -14.48
C ALA A 189 5.39 6.62 -15.76
N LEU A 190 5.11 7.46 -16.76
CA LEU A 190 5.84 7.41 -18.04
C LEU A 190 7.33 7.64 -17.75
N GLU A 191 7.67 8.67 -16.97
CA GLU A 191 9.10 9.05 -16.71
C GLU A 191 9.81 7.88 -16.02
N SER A 192 9.09 6.98 -15.34
CA SER A 192 9.64 5.80 -14.64
C SER A 192 9.96 4.72 -15.67
N ILE A 193 9.02 4.44 -16.58
CA ILE A 193 9.21 3.37 -17.61
C ILE A 193 10.38 3.76 -18.54
N LEU A 194 10.42 5.00 -19.01
CA LEU A 194 11.40 5.44 -20.03
C LEU A 194 12.78 5.62 -19.41
N HIS A 195 12.87 6.30 -18.25
CA HIS A 195 14.13 6.88 -17.71
C HIS A 195 14.42 6.43 -16.28
N ARG A 196 13.68 5.43 -15.78
CA ARG A 196 13.75 4.97 -14.37
C ARG A 196 13.76 6.18 -13.40
N ILE A 197 13.00 7.23 -13.72
CA ILE A 197 12.77 8.37 -12.80
C ILE A 197 11.54 8.07 -11.93
N TYR A 198 11.74 8.20 -10.60
CA TYR A 198 10.74 7.97 -9.54
C TYR A 198 10.73 9.15 -8.56
N THR A 199 9.54 9.71 -8.33
CA THR A 199 9.34 10.79 -7.35
C THR A 199 8.00 10.53 -6.64
N HIS A 200 7.65 11.42 -5.72
CA HIS A 200 6.31 11.39 -5.07
C HIS A 200 5.27 11.48 -6.19
N GLN A 201 5.58 12.28 -7.22
CA GLN A 201 4.71 12.52 -8.40
C GLN A 201 4.63 11.23 -9.23
N SER A 202 5.63 10.38 -9.26
CA SER A 202 5.48 9.11 -10.00
C SER A 202 4.58 8.20 -9.15
N ASP A 203 4.64 8.38 -7.83
CA ASP A 203 3.78 7.67 -6.85
C ASP A 203 2.33 8.11 -7.11
N VAL A 204 2.10 9.37 -7.49
CA VAL A 204 0.71 9.86 -7.77
C VAL A 204 0.14 9.16 -9.02
N TRP A 205 0.93 8.99 -10.07
CA TRP A 205 0.51 8.15 -11.22
C TRP A 205 -0.04 6.85 -10.68
N SER A 206 0.76 6.13 -9.88
CA SER A 206 0.35 4.76 -9.43
C SER A 206 -0.90 4.85 -8.54
N TYR A 207 -1.07 5.96 -7.77
CA TYR A 207 -2.27 6.20 -6.94
C TYR A 207 -3.51 6.21 -7.85
N GLY A 208 -3.40 6.94 -8.98
CA GLY A 208 -4.37 6.98 -10.09
C GLY A 208 -4.75 5.61 -10.52
N VAL A 209 -3.77 4.78 -10.91
CA VAL A 209 -4.07 3.36 -11.31
C VAL A 209 -4.70 2.63 -10.12
N THR A 210 -4.22 2.84 -8.89
CA THR A 210 -4.78 2.08 -7.75
C THR A 210 -6.25 2.42 -7.61
N VAL A 211 -6.60 3.71 -7.79
CA VAL A 211 -8.01 4.15 -7.68
C VAL A 211 -8.85 3.54 -8.81
N TRP A 212 -8.29 3.46 -10.01
CA TRP A 212 -8.98 2.81 -11.15
C TRP A 212 -9.26 1.35 -10.81
N GLU A 213 -8.32 0.64 -10.17
CA GLU A 213 -8.56 -0.77 -9.76
C GLU A 213 -9.76 -0.82 -8.80
N LEU A 214 -9.79 0.04 -7.78
CA LEU A 214 -10.90 0.04 -6.79
C LEU A 214 -12.24 0.34 -7.49
N MET A 215 -12.28 1.35 -8.35
CA MET A 215 -13.55 1.82 -8.99
C MET A 215 -14.03 0.77 -10.00
N THR A 216 -13.16 -0.07 -10.55
CA THR A 216 -13.57 -1.19 -11.44
C THR A 216 -13.63 -2.51 -10.66
N PHE A 217 -13.64 -2.47 -9.32
CA PHE A 217 -13.79 -3.66 -8.43
C PHE A 217 -12.73 -4.72 -8.76
N GLY A 218 -11.52 -4.26 -9.08
CA GLY A 218 -10.34 -5.10 -9.25
C GLY A 218 -10.11 -5.55 -10.68
N SER A 219 -10.41 -4.74 -11.68
CA SER A 219 -10.09 -5.11 -13.08
C SER A 219 -8.58 -4.93 -13.30
N LYS A 220 -8.02 -5.62 -14.28
CA LYS A 220 -6.57 -5.55 -14.58
C LYS A 220 -6.40 -4.33 -15.46
N PRO A 221 -5.46 -3.42 -15.14
CA PRO A 221 -5.21 -2.28 -16.00
C PRO A 221 -4.53 -2.70 -17.31
N TYR A 222 -5.06 -2.18 -18.41
CA TYR A 222 -4.63 -2.52 -19.79
C TYR A 222 -4.64 -4.03 -19.92
N ASP A 223 -5.70 -4.70 -19.47
CA ASP A 223 -5.81 -6.18 -19.55
C ASP A 223 -5.62 -6.62 -21.01
N GLY A 224 -4.86 -7.69 -21.21
CA GLY A 224 -4.49 -8.24 -22.52
C GLY A 224 -3.72 -7.25 -23.40
N ILE A 225 -2.87 -6.41 -22.80
CA ILE A 225 -1.91 -5.55 -23.55
C ILE A 225 -0.51 -5.89 -23.05
N PRO A 226 0.48 -6.15 -23.93
CA PRO A 226 1.83 -6.45 -23.48
C PRO A 226 2.51 -5.20 -22.90
N ALA A 227 3.27 -5.40 -21.82
CA ALA A 227 4.04 -4.36 -21.10
C ALA A 227 4.97 -3.56 -22.05
N SER A 228 5.50 -4.21 -23.09
CA SER A 228 6.33 -3.57 -24.16
C SER A 228 5.52 -2.47 -24.85
N GLU A 229 4.20 -2.63 -24.96
CA GLU A 229 3.31 -1.69 -25.70
C GLU A 229 3.01 -0.43 -24.85
N ILE A 230 3.07 -0.54 -23.51
CA ILE A 230 2.52 0.47 -22.56
C ILE A 230 3.19 1.83 -22.77
N SER A 231 4.52 1.85 -22.94
CA SER A 231 5.25 3.14 -23.04
C SER A 231 4.73 3.91 -24.29
N SER A 232 4.43 3.19 -25.37
CA SER A 232 4.04 3.77 -26.69
C SER A 232 2.61 4.33 -26.58
N ILE A 233 1.72 3.54 -25.97
CA ILE A 233 0.29 3.86 -25.73
C ILE A 233 0.21 5.15 -24.91
N LEU A 234 0.96 5.22 -23.81
CA LEU A 234 0.99 6.46 -22.98
C LEU A 234 1.58 7.60 -23.81
N GLU A 235 2.60 7.31 -24.64
CA GLU A 235 3.26 8.35 -25.47
C GLU A 235 2.18 8.88 -26.42
N LYS A 236 1.32 7.99 -26.95
CA LYS A 236 0.20 8.30 -27.88
C LYS A 236 -0.92 9.08 -27.17
N GLY A 237 -0.88 9.16 -25.82
CA GLY A 237 -1.80 9.94 -24.98
C GLY A 237 -3.00 9.09 -24.52
N GLU A 238 -3.01 7.80 -24.85
CA GLU A 238 -4.04 6.87 -24.35
C GLU A 238 -3.86 6.66 -22.82
N ARG A 239 -4.99 6.52 -22.12
CA ARG A 239 -5.05 6.29 -20.66
C ARG A 239 -6.13 5.27 -20.37
N LEU A 240 -6.15 4.79 -19.14
CA LEU A 240 -7.18 3.82 -18.71
C LEU A 240 -8.54 4.48 -18.89
N PRO A 241 -9.58 3.69 -19.26
CA PRO A 241 -10.92 4.22 -19.50
C PRO A 241 -11.70 4.59 -18.22
N GLN A 242 -12.69 5.48 -18.33
CA GLN A 242 -13.57 5.90 -17.21
C GLN A 242 -14.36 4.71 -16.68
N PRO A 243 -14.19 4.29 -15.42
CA PRO A 243 -14.99 3.20 -14.89
C PRO A 243 -16.48 3.55 -14.87
N PRO A 244 -17.35 2.54 -15.13
CA PRO A 244 -18.81 2.72 -15.12
C PRO A 244 -19.37 3.48 -13.92
N ILE A 245 -18.90 3.16 -12.74
CA ILE A 245 -19.46 3.77 -11.50
C ILE A 245 -18.97 5.22 -11.40
N CYS A 246 -18.00 5.66 -12.18
CA CYS A 246 -17.33 6.95 -11.87
C CYS A 246 -18.06 8.10 -12.56
N THR A 247 -18.47 9.09 -11.78
CA THR A 247 -18.73 10.44 -12.31
C THR A 247 -17.44 10.99 -12.91
N ILE A 248 -17.62 11.96 -13.79
CA ILE A 248 -16.50 12.62 -14.48
C ILE A 248 -15.61 13.24 -13.41
N ASP A 249 -16.15 13.58 -12.24
CA ASP A 249 -15.41 14.32 -11.19
C ASP A 249 -14.32 13.38 -10.64
N VAL A 250 -14.71 12.15 -10.37
CA VAL A 250 -13.76 11.13 -9.87
C VAL A 250 -12.75 10.79 -10.97
N TYR A 251 -13.24 10.55 -12.19
CA TYR A 251 -12.35 10.14 -13.32
C TYR A 251 -11.38 11.29 -13.63
N MET A 252 -11.83 12.53 -13.61
CA MET A 252 -10.97 13.68 -13.99
C MET A 252 -9.76 13.71 -13.03
N ILE A 253 -9.98 13.43 -11.76
CA ILE A 253 -8.90 13.30 -10.74
C ILE A 253 -7.95 12.15 -11.11
N MET A 254 -8.48 11.00 -11.48
CA MET A 254 -7.58 9.89 -11.90
C MET A 254 -6.70 10.36 -13.09
N VAL A 255 -7.32 11.06 -14.04
CA VAL A 255 -6.70 11.45 -15.33
C VAL A 255 -5.61 12.48 -15.07
N LYS A 256 -5.78 13.36 -14.10
CA LYS A 256 -4.75 14.38 -13.77
C LYS A 256 -3.51 13.68 -13.19
N CYS A 257 -3.67 12.51 -12.55
CA CYS A 257 -2.55 11.74 -11.94
C CYS A 257 -1.76 11.12 -13.09
N TRP A 258 -2.29 11.18 -14.33
CA TRP A 258 -1.69 10.46 -15.48
C TRP A 258 -1.21 11.48 -16.52
N MET A 259 -1.08 12.74 -16.13
CA MET A 259 -0.42 13.80 -16.93
C MET A 259 1.04 13.45 -17.18
N ILE A 260 1.57 13.80 -18.35
CA ILE A 260 3.01 13.62 -18.67
C ILE A 260 3.81 14.61 -17.82
N ASP A 261 3.39 15.86 -17.67
CA ASP A 261 4.15 16.78 -16.78
C ASP A 261 3.90 16.34 -15.32
N ALA A 262 4.90 15.73 -14.68
CA ALA A 262 4.82 15.19 -13.31
C ALA A 262 4.36 16.28 -12.32
N ASP A 263 4.76 17.53 -12.50
CA ASP A 263 4.42 18.68 -11.62
C ASP A 263 2.98 19.16 -11.89
N SER A 264 2.37 18.71 -12.97
CA SER A 264 0.95 18.96 -13.30
C SER A 264 0.03 17.95 -12.60
N ARG A 265 0.54 16.81 -12.12
CA ARG A 265 -0.28 15.84 -11.34
C ARG A 265 -0.66 16.46 -9.99
N PRO A 266 -1.76 16.02 -9.35
CA PRO A 266 -2.10 16.51 -8.02
C PRO A 266 -1.03 16.09 -7.00
N LYS A 267 -1.01 16.78 -5.88
CA LYS A 267 -0.22 16.36 -4.70
C LYS A 267 -1.11 15.41 -3.88
N PHE A 268 -0.51 14.45 -3.21
CA PHE A 268 -1.22 13.58 -2.25
C PHE A 268 -2.06 14.45 -1.29
N ARG A 269 -1.53 15.59 -0.83
CA ARG A 269 -2.30 16.45 0.13
C ARG A 269 -3.60 16.93 -0.53
N GLU A 270 -3.56 17.17 -1.85
CA GLU A 270 -4.70 17.71 -2.63
C GLU A 270 -5.69 16.58 -2.86
N LEU A 271 -5.16 15.40 -3.13
CA LEU A 271 -6.00 14.17 -3.28
C LEU A 271 -6.77 13.93 -2.00
N ILE A 272 -6.15 14.10 -0.82
CA ILE A 272 -6.84 13.91 0.50
C ILE A 272 -8.06 14.80 0.47
N ILE A 273 -7.86 16.07 0.15
CA ILE A 273 -8.91 17.13 0.13
C ILE A 273 -10.00 16.78 -0.88
N GLU A 274 -9.66 16.49 -2.12
CA GLU A 274 -10.68 16.30 -3.18
C GLU A 274 -11.52 15.07 -2.81
N PHE A 275 -10.88 13.98 -2.41
CA PHE A 275 -11.63 12.73 -2.08
C PHE A 275 -12.44 12.94 -0.81
N SER A 276 -11.96 13.72 0.14
CA SER A 276 -12.74 14.02 1.37
C SER A 276 -13.99 14.77 0.97
N LYS A 277 -13.84 15.82 0.17
CA LYS A 277 -15.03 16.59 -0.26
C LYS A 277 -16.03 15.60 -0.84
N MET A 278 -15.56 14.69 -1.70
CA MET A 278 -16.44 13.74 -2.40
C MET A 278 -17.01 12.69 -1.43
N ALA A 279 -16.19 12.21 -0.50
CA ALA A 279 -16.59 11.32 0.63
C ALA A 279 -17.69 11.94 1.51
N ARG A 280 -17.84 13.25 1.53
CA ARG A 280 -18.91 13.92 2.31
C ARG A 280 -20.26 13.73 1.63
N ASP A 281 -20.29 13.36 0.34
CA ASP A 281 -21.55 13.22 -0.43
C ASP A 281 -21.34 12.11 -1.45
N PRO A 282 -21.12 10.86 -1.00
CA PRO A 282 -20.62 9.83 -1.91
C PRO A 282 -21.52 9.52 -3.13
N GLN A 283 -22.84 9.63 -3.02
CA GLN A 283 -23.73 9.19 -4.12
C GLN A 283 -23.74 10.25 -5.22
N ARG A 284 -23.26 11.44 -4.93
CA ARG A 284 -23.04 12.48 -5.95
C ARG A 284 -21.83 12.12 -6.82
N TYR A 285 -20.90 11.28 -6.38
CA TYR A 285 -19.59 11.11 -7.07
C TYR A 285 -19.37 9.68 -7.58
N LEU A 286 -20.04 8.69 -6.99
CA LEU A 286 -19.99 7.34 -7.59
C LEU A 286 -21.41 6.80 -7.66
N VAL A 287 -21.77 6.17 -8.75
CA VAL A 287 -23.16 5.71 -9.01
C VAL A 287 -23.10 4.19 -9.01
N ILE A 288 -23.57 3.54 -7.95
CA ILE A 288 -23.51 2.06 -7.79
C ILE A 288 -24.91 1.51 -7.54
N GLN A 289 -25.27 0.43 -8.28
CA GLN A 289 -26.57 -0.30 -8.12
C GLN A 289 -26.80 -0.60 -6.64
N GLY A 290 -27.92 -0.20 -6.06
CA GLY A 290 -28.28 -0.58 -4.67
C GLY A 290 -27.23 -0.18 -3.65
N ASP A 291 -26.55 0.94 -3.88
CA ASP A 291 -25.49 1.50 -3.00
C ASP A 291 -26.09 1.74 -1.61
N GLU A 292 -27.34 2.18 -1.60
CA GLU A 292 -28.09 2.61 -0.40
C GLU A 292 -28.20 1.45 0.61
N ARG A 293 -28.20 0.17 0.17
CA ARG A 293 -28.42 -1.04 1.04
C ARG A 293 -27.11 -1.81 1.27
N MET A 294 -25.99 -1.11 1.44
CA MET A 294 -24.63 -1.71 1.49
C MET A 294 -24.04 -1.60 2.91
N HIS A 295 -23.67 -2.74 3.52
CA HIS A 295 -23.02 -2.84 4.86
C HIS A 295 -22.01 -4.00 4.89
N LEU A 296 -20.88 -3.77 5.59
CA LEU A 296 -19.68 -4.65 5.73
C LEU A 296 -19.29 -4.70 7.22
N PRO A 297 -18.37 -5.59 7.67
CA PRO A 297 -17.89 -5.55 9.07
C PRO A 297 -17.22 -4.20 9.41
N ASP A 313 -8.31 -18.19 24.15
CA ASP A 313 -8.40 -17.07 25.13
C ASP A 313 -8.03 -15.76 24.43
N MET A 314 -9.04 -15.06 23.90
CA MET A 314 -8.89 -13.74 23.22
C MET A 314 -9.03 -12.59 24.26
N ASP A 315 -8.80 -12.87 25.55
CA ASP A 315 -9.06 -11.91 26.65
C ASP A 315 -8.05 -10.75 26.56
N ASP A 316 -6.76 -11.05 26.46
CA ASP A 316 -5.72 -9.99 26.50
C ASP A 316 -5.29 -9.67 25.06
N VAL A 317 -6.11 -10.01 24.06
CA VAL A 317 -5.83 -9.58 22.67
C VAL A 317 -6.01 -8.08 22.60
N VAL A 318 -5.02 -7.42 22.01
CA VAL A 318 -5.01 -5.97 21.70
C VAL A 318 -4.67 -5.89 20.23
N ASP A 319 -5.30 -5.03 19.43
CA ASP A 319 -4.77 -4.82 18.05
C ASP A 319 -3.45 -4.06 18.17
N ALA A 320 -2.52 -4.34 17.28
CA ALA A 320 -1.20 -3.68 17.23
C ALA A 320 -1.39 -2.16 17.28
N ASP A 321 -2.49 -1.59 16.74
CA ASP A 321 -2.77 -0.12 16.71
C ASP A 321 -2.99 0.42 18.13
N GLU A 322 -3.31 -0.43 19.08
CA GLU A 322 -3.46 -0.02 20.50
C GLU A 322 -2.26 -0.53 21.31
N TYR A 323 -1.22 -1.04 20.67
CA TYR A 323 -0.01 -1.51 21.37
C TYR A 323 1.10 -0.51 21.05
N LEU A 324 1.38 0.42 21.93
CA LEU A 324 2.39 1.45 21.66
C LEU A 324 3.62 1.21 22.53
N ILE A 325 4.78 1.43 21.93
CA ILE A 325 6.12 1.34 22.56
C ILE A 325 6.66 2.76 22.64
N PRO A 326 7.35 3.14 23.75
CA PRO A 326 7.95 4.47 23.85
C PRO A 326 8.98 4.72 22.74
C48 PE5 B . -10.99 3.28 20.24
C50 PE5 B . -10.82 4.27 19.17
O1 PE5 B . -12.08 4.70 18.67
C1 PE5 B . -12.27 4.43 17.28
C2 PE5 B . -13.00 5.57 16.62
O2 PE5 B . -12.17 6.17 15.62
C3 PE5 B . -12.17 7.60 15.69
C4 PE5 B . -10.78 8.08 15.95
O3 PE5 B . -10.06 8.11 14.73
C5 PE5 B . -8.71 8.55 14.85
C6 PE5 B . -7.78 7.61 14.13
O4 PE5 B . -8.20 7.46 12.77
C7 PE5 B . -7.23 6.81 11.96
C8 PE5 B . -7.72 5.44 11.54
O5 PE5 B . -8.89 5.56 10.73
C9 PE5 B . -9.56 4.32 10.54
C10 PE5 B . -11.04 4.47 10.86
O6 PE5 B . -11.52 5.67 10.26
C11 PE5 B . -12.72 5.51 9.50
C12 PE5 B . -12.99 6.73 8.65
O7 PE5 B . -12.05 6.83 7.59
C13 PE5 B . -12.47 7.73 6.56
C14 PE5 B . -11.27 8.29 5.91
O8 PE5 B . -10.24 8.41 6.87
C15 PE5 B . -9.60 9.66 6.77
C16 PE5 B . -10.60 10.68 6.36
C01 N99 C . -3.26 -11.06 5.92
N02 N99 C . -2.12 -10.34 6.00
C03 N99 C . -1.12 -10.49 5.10
C04 N99 C . -1.25 -11.41 4.07
C05 N99 C . -2.43 -12.17 4.00
C06 N99 C . -3.45 -12.00 4.92
C07 N99 C . -0.10 -9.64 5.42
C08 N99 C . -0.56 -8.98 6.56
N09 N99 C . 0.07 -7.99 7.28
C10 N99 C . 1.16 -7.41 6.80
C11 N99 C . 1.51 -6.03 7.38
C12 N99 C . 0.96 -4.87 6.60
O13 N99 C . 1.90 -8.00 6.00
N14 N99 C . -1.77 -9.42 6.90
#